data_3CBP
#
_entry.id   3CBP
#
_cell.length_a   102.042
_cell.length_b   38.786
_cell.length_c   66.571
_cell.angle_alpha   90.00
_cell.angle_beta   90.00
_cell.angle_gamma   90.00
#
_symmetry.space_group_name_H-M   'P 21 21 2'
#
loop_
_entity.id
_entity.type
_entity.pdbx_description
1 polymer 'Histone-lysine N-methyltransferase SETD7'
2 polymer 'Estrogen receptor'
3 non-polymer SINEFUNGIN
4 non-polymer BETA-MERCAPTOETHANOL
5 non-polymer GLYCEROL
6 water water
#
loop_
_entity_poly.entity_id
_entity_poly.type
_entity_poly.pdbx_seq_one_letter_code
_entity_poly.pdbx_strand_id
1 'polypeptide(L)'
;KDNIRHGVCWIYYPDGGSLVGEVNEDGEMTGEKIAYVYPDERTALYGKFIDGEMIEGKLATLMSTEEGRPHFELMPGNSV
YHFDKSTSSCISTNALLPDPYESERVYVAESLISSAGEGLFSKVAVGPNTVMSFYNGVRITHQEVDSRDWALNGNTLSLD
EETVIDVPEPYNHVSKYCASLGHKANHSFTPNCIYDMFVHPRFGPIKCIRTLRAVEADEELTVAYGYDHSPPGKSGPEAP
EWYQVELKAFQATQQK
;
A
2 'polypeptide(L)' IKRSKKNSLA B
#
# COMPACT_ATOMS: atom_id res chain seq x y z
N GLY A 7 16.09 -13.96 23.55
CA GLY A 7 14.61 -13.76 23.61
C GLY A 7 14.05 -13.05 22.38
N VAL A 8 13.31 -13.78 21.56
CA VAL A 8 12.73 -13.21 20.35
C VAL A 8 11.57 -12.28 20.66
N CYS A 9 11.49 -11.18 19.92
N CYS A 9 11.48 -11.19 19.91
CA CYS A 9 10.44 -10.18 20.11
CA CYS A 9 10.38 -10.26 20.11
C CYS A 9 9.63 -9.92 18.84
C CYS A 9 9.62 -10.02 18.82
N TRP A 10 8.31 -9.83 18.98
CA TRP A 10 7.43 -9.56 17.85
C TRP A 10 6.75 -8.23 18.14
N ILE A 11 6.85 -7.30 17.20
CA ILE A 11 6.22 -6.00 17.36
C ILE A 11 5.17 -5.92 16.25
N TYR A 12 3.90 -6.02 16.62
CA TYR A 12 2.81 -5.96 15.66
C TYR A 12 2.22 -4.58 15.49
N TYR A 13 1.96 -4.20 14.25
CA TYR A 13 1.36 -2.91 13.97
C TYR A 13 -0.14 -3.11 13.89
N PRO A 14 -0.92 -2.06 14.14
CA PRO A 14 -2.38 -2.18 14.08
C PRO A 14 -2.86 -2.73 12.73
N ASP A 15 -2.06 -2.53 11.69
CA ASP A 15 -2.44 -2.98 10.34
C ASP A 15 -2.22 -4.48 10.10
N GLY A 16 -1.63 -5.17 11.07
CA GLY A 16 -1.41 -6.59 10.90
C GLY A 16 0.02 -7.00 10.60
N GLY A 17 0.82 -6.06 10.11
CA GLY A 17 2.21 -6.35 9.81
C GLY A 17 3.00 -6.44 11.10
N SER A 18 4.24 -6.91 11.02
CA SER A 18 5.03 -7.01 12.23
C SER A 18 6.53 -7.08 11.98
N LEU A 19 7.30 -6.78 13.02
CA LEU A 19 8.76 -6.86 12.99
C LEU A 19 9.10 -7.95 14.00
N VAL A 20 10.01 -8.84 13.63
CA VAL A 20 10.39 -9.92 14.53
C VAL A 20 11.88 -10.24 14.48
N GLY A 21 12.45 -10.57 15.64
CA GLY A 21 13.86 -10.90 15.70
C GLY A 21 14.42 -10.71 17.10
N GLU A 22 15.71 -11.02 17.27
CA GLU A 22 16.36 -10.84 18.56
C GLU A 22 16.91 -9.43 18.64
N VAL A 23 16.68 -8.76 19.76
CA VAL A 23 17.16 -7.39 19.95
C VAL A 23 18.58 -7.43 20.51
N ASN A 24 19.29 -6.29 20.40
CA ASN A 24 20.65 -6.23 20.91
C ASN A 24 20.66 -5.88 22.39
N GLU A 25 21.85 -5.71 22.95
CA GLU A 25 22.00 -5.38 24.36
C GLU A 25 21.25 -4.09 24.71
N ASP A 26 20.90 -3.33 23.67
CA ASP A 26 20.18 -2.09 23.85
C ASP A 26 18.69 -2.28 23.54
N GLY A 27 18.29 -3.54 23.41
CA GLY A 27 16.90 -3.84 23.11
C GLY A 27 16.43 -3.22 21.80
N GLU A 28 17.24 -3.35 20.76
CA GLU A 28 16.90 -2.80 19.46
C GLU A 28 16.92 -3.86 18.37
N MET A 29 15.99 -3.76 17.43
CA MET A 29 15.90 -4.70 16.32
C MET A 29 17.06 -4.44 15.35
N THR A 30 18.26 -4.87 15.75
CA THR A 30 19.44 -4.67 14.92
C THR A 30 20.17 -5.99 14.69
N GLY A 31 20.40 -6.31 13.42
CA GLY A 31 21.10 -7.55 13.09
C GLY A 31 20.90 -7.95 11.64
N GLU A 32 21.43 -9.11 11.28
CA GLU A 32 21.33 -9.63 9.92
C GLU A 32 20.20 -10.65 9.80
N LYS A 33 19.56 -10.97 10.91
CA LYS A 33 18.49 -11.96 10.92
C LYS A 33 17.16 -11.40 11.43
N ILE A 34 16.85 -10.17 11.05
N ILE A 34 16.85 -10.17 11.04
CA ILE A 34 15.61 -9.52 11.45
CA ILE A 34 15.60 -9.53 11.44
C ILE A 34 14.64 -9.63 10.28
C ILE A 34 14.64 -9.63 10.28
N ALA A 35 13.35 -9.53 10.56
CA ALA A 35 12.37 -9.62 9.49
C ALA A 35 11.10 -8.82 9.70
N TYR A 36 10.55 -8.36 8.60
CA TYR A 36 9.28 -7.66 8.63
C TYR A 36 8.36 -8.72 8.03
N VAL A 37 7.22 -8.97 8.68
CA VAL A 37 6.28 -9.95 8.18
C VAL A 37 4.99 -9.22 7.78
N TYR A 38 4.55 -9.44 6.54
CA TYR A 38 3.33 -8.80 6.04
C TYR A 38 2.11 -9.34 6.79
N PRO A 39 0.94 -8.68 6.59
CA PRO A 39 -0.32 -9.06 7.23
C PRO A 39 -0.79 -10.50 7.00
N ASP A 40 -0.25 -11.18 6.00
CA ASP A 40 -0.67 -12.55 5.76
C ASP A 40 0.09 -13.51 6.69
N GLU A 41 1.00 -12.93 7.47
CA GLU A 41 1.79 -13.71 8.41
C GLU A 41 2.52 -14.85 7.72
N ARG A 42 2.85 -14.63 6.45
CA ARG A 42 3.55 -15.63 5.65
C ARG A 42 4.65 -14.98 4.80
N THR A 43 4.30 -13.89 4.10
CA THR A 43 5.27 -13.19 3.26
C THR A 43 6.14 -12.31 4.15
N ALA A 44 7.46 -12.38 3.95
CA ALA A 44 8.37 -11.60 4.78
C ALA A 44 9.59 -11.06 4.06
N LEU A 45 10.21 -10.06 4.67
CA LEU A 45 11.42 -9.45 4.14
C LEU A 45 12.45 -9.73 5.24
N TYR A 46 13.33 -10.69 4.97
CA TYR A 46 14.33 -11.14 5.94
C TYR A 46 15.74 -10.63 5.63
N GLY A 47 16.41 -10.09 6.65
CA GLY A 47 17.76 -9.60 6.42
C GLY A 47 18.30 -8.62 7.44
N LYS A 48 19.05 -7.64 6.94
CA LYS A 48 19.67 -6.63 7.79
C LYS A 48 18.75 -5.46 8.12
N PHE A 49 18.59 -5.22 9.41
CA PHE A 49 17.78 -4.11 9.91
C PHE A 49 18.57 -3.42 11.01
N ILE A 50 18.35 -2.13 11.20
CA ILE A 50 19.01 -1.38 12.24
C ILE A 50 17.94 -0.62 13.00
N ASP A 51 17.75 -1.00 14.26
CA ASP A 51 16.75 -0.39 15.12
C ASP A 51 15.36 -0.48 14.48
N GLY A 52 15.07 -1.61 13.85
CA GLY A 52 13.78 -1.81 13.22
C GLY A 52 13.68 -1.30 11.79
N GLU A 53 14.67 -0.54 11.34
CA GLU A 53 14.66 -0.01 9.98
C GLU A 53 15.32 -0.99 9.02
N MET A 54 14.65 -1.27 7.91
CA MET A 54 15.15 -2.22 6.92
C MET A 54 16.31 -1.65 6.10
N ILE A 55 17.45 -2.34 6.17
CA ILE A 55 18.65 -1.95 5.44
C ILE A 55 18.73 -2.79 4.18
N GLU A 56 18.58 -4.09 4.35
CA GLU A 56 18.63 -5.05 3.25
C GLU A 56 17.76 -6.23 3.59
N GLY A 57 16.51 -6.19 3.15
CA GLY A 57 15.59 -7.29 3.42
C GLY A 57 15.40 -8.10 2.16
N LYS A 58 15.43 -9.42 2.30
CA LYS A 58 15.24 -10.30 1.17
C LYS A 58 13.90 -11.02 1.28
N LEU A 59 13.25 -11.23 0.14
CA LEU A 59 11.96 -11.91 0.12
C LEU A 59 12.10 -13.29 0.73
N ALA A 60 11.21 -13.62 1.64
CA ALA A 60 11.23 -14.91 2.32
C ALA A 60 9.84 -15.35 2.70
N THR A 61 9.73 -16.57 3.22
CA THR A 61 8.45 -17.10 3.65
C THR A 61 8.58 -17.58 5.09
N LEU A 62 7.67 -17.14 5.95
CA LEU A 62 7.67 -17.57 7.33
C LEU A 62 7.07 -18.98 7.27
N MET A 63 7.94 -19.98 7.34
CA MET A 63 7.51 -21.38 7.25
C MET A 63 6.77 -21.87 8.48
N SER A 64 7.27 -21.51 9.65
CA SER A 64 6.66 -21.93 10.90
C SER A 64 7.27 -21.16 12.07
N THR A 65 6.68 -21.32 13.24
CA THR A 65 7.16 -20.65 14.43
C THR A 65 7.05 -21.62 15.60
N GLU A 66 8.12 -21.72 16.38
CA GLU A 66 8.14 -22.61 17.54
C GLU A 66 8.46 -21.80 18.79
N GLU A 67 7.49 -21.67 19.68
CA GLU A 67 7.64 -20.90 20.91
C GLU A 67 8.13 -19.49 20.61
N GLY A 68 7.52 -18.86 19.61
CA GLY A 68 7.88 -17.50 19.25
C GLY A 68 9.09 -17.36 18.36
N ARG A 69 9.80 -18.46 18.11
CA ARG A 69 10.99 -18.43 17.25
C ARG A 69 10.58 -18.74 15.82
N PRO A 70 10.67 -17.74 14.92
CA PRO A 70 10.30 -17.97 13.53
C PRO A 70 11.34 -18.67 12.67
N HIS A 71 10.86 -19.40 11.67
CA HIS A 71 11.73 -20.09 10.74
C HIS A 71 11.42 -19.56 9.34
N PHE A 72 12.39 -18.85 8.76
CA PHE A 72 12.22 -18.31 7.41
C PHE A 72 13.09 -19.04 6.41
N GLU A 73 12.62 -19.10 5.16
CA GLU A 73 13.40 -19.70 4.10
C GLU A 73 13.29 -18.72 2.93
N LEU A 74 14.45 -18.35 2.38
CA LEU A 74 14.51 -17.41 1.29
C LEU A 74 13.82 -17.87 0.02
N MET A 75 13.20 -16.91 -0.68
CA MET A 75 12.54 -17.17 -1.94
C MET A 75 13.58 -17.05 -3.05
N PRO A 76 13.39 -17.78 -4.15
CA PRO A 76 14.35 -17.70 -5.26
C PRO A 76 14.42 -16.27 -5.80
N GLY A 77 15.63 -15.75 -6.01
CA GLY A 77 15.77 -14.41 -6.52
C GLY A 77 16.88 -13.59 -5.87
N ASN A 78 17.13 -12.41 -6.40
CA ASN A 78 18.17 -11.53 -5.87
C ASN A 78 17.63 -10.14 -5.54
N SER A 79 16.30 -10.00 -5.53
CA SER A 79 15.69 -8.72 -5.22
C SER A 79 15.74 -8.44 -3.72
N VAL A 80 16.35 -7.31 -3.35
CA VAL A 80 16.44 -6.92 -1.96
C VAL A 80 15.67 -5.62 -1.81
N TYR A 81 15.17 -5.34 -0.61
CA TYR A 81 14.43 -4.13 -0.38
C TYR A 81 15.02 -3.37 0.80
N HIS A 82 14.79 -2.06 0.83
CA HIS A 82 15.29 -1.25 1.92
C HIS A 82 14.36 -0.09 2.19
N PHE A 83 14.44 0.46 3.40
CA PHE A 83 13.61 1.60 3.79
C PHE A 83 13.90 2.63 2.71
N ASP A 84 12.85 3.18 2.12
CA ASP A 84 13.03 4.12 1.01
C ASP A 84 11.91 5.18 1.02
N LYS A 85 11.70 5.81 2.18
CA LYS A 85 10.63 6.80 2.30
C LYS A 85 10.72 7.89 1.23
N SER A 86 9.57 8.21 0.64
CA SER A 86 9.50 9.21 -0.40
C SER A 86 9.62 10.61 0.18
N THR A 87 9.88 11.57 -0.70
CA THR A 87 9.97 12.97 -0.33
C THR A 87 9.01 13.70 -1.25
N SER A 88 9.04 15.02 -1.25
CA SER A 88 8.15 15.78 -2.11
C SER A 88 8.49 15.62 -3.59
N SER A 89 9.74 15.27 -3.88
CA SER A 89 10.17 15.12 -5.27
C SER A 89 10.59 13.70 -5.66
N CYS A 90 10.86 12.85 -4.69
CA CYS A 90 11.27 11.48 -4.99
C CYS A 90 10.21 10.50 -4.54
N ILE A 91 9.67 9.73 -5.48
CA ILE A 91 8.63 8.76 -5.16
C ILE A 91 9.22 7.41 -4.74
N SER A 92 10.40 7.10 -5.28
CA SER A 92 11.08 5.83 -4.99
C SER A 92 12.46 5.78 -5.63
N THR A 93 13.38 5.07 -4.99
CA THR A 93 14.73 4.92 -5.54
C THR A 93 14.70 3.88 -6.64
N ASN A 94 13.67 3.03 -6.61
CA ASN A 94 13.50 1.99 -7.62
C ASN A 94 12.02 1.89 -7.96
N ALA A 95 11.55 2.83 -8.77
CA ALA A 95 10.15 2.91 -9.18
C ALA A 95 9.59 1.66 -9.87
N LEU A 96 10.46 0.86 -10.47
CA LEU A 96 10.02 -0.32 -11.19
C LEU A 96 10.15 -1.64 -10.43
N LEU A 97 10.48 -1.56 -9.14
CA LEU A 97 10.60 -2.75 -8.31
C LEU A 97 9.27 -2.87 -7.58
N PRO A 98 8.43 -3.83 -7.96
CA PRO A 98 7.13 -3.99 -7.30
C PRO A 98 7.21 -4.52 -5.88
N ASP A 99 6.09 -4.40 -5.16
CA ASP A 99 6.01 -4.92 -3.81
C ASP A 99 5.59 -6.37 -3.95
N PRO A 100 6.33 -7.30 -3.35
CA PRO A 100 6.02 -8.74 -3.43
C PRO A 100 4.68 -9.21 -2.87
N TYR A 101 4.20 -8.56 -1.82
CA TYR A 101 2.92 -8.92 -1.22
C TYR A 101 1.80 -8.45 -2.13
N GLU A 102 1.90 -7.21 -2.56
CA GLU A 102 0.91 -6.61 -3.44
C GLU A 102 0.86 -7.32 -4.78
N SER A 103 2.04 -7.70 -5.30
N SER A 103 2.04 -7.71 -5.29
CA SER A 103 2.11 -8.37 -6.60
CA SER A 103 2.15 -8.38 -6.57
C SER A 103 1.34 -9.69 -6.65
C SER A 103 1.37 -9.69 -6.65
N GLU A 104 1.21 -10.36 -5.52
CA GLU A 104 0.49 -11.62 -5.47
C GLU A 104 -1.00 -11.45 -5.22
N ARG A 105 -1.44 -10.21 -5.02
CA ARG A 105 -2.85 -9.96 -4.73
C ARG A 105 -3.65 -9.09 -5.70
N VAL A 106 -2.97 -8.23 -6.43
CA VAL A 106 -3.66 -7.35 -7.37
C VAL A 106 -2.94 -7.17 -8.70
N TYR A 107 -3.70 -6.73 -9.69
CA TYR A 107 -3.18 -6.44 -11.02
C TYR A 107 -3.97 -5.29 -11.64
N VAL A 108 -3.36 -4.62 -12.61
CA VAL A 108 -3.97 -3.50 -13.30
C VAL A 108 -4.50 -3.95 -14.65
N ALA A 109 -5.69 -3.48 -14.99
CA ALA A 109 -6.33 -3.80 -16.26
C ALA A 109 -7.35 -2.72 -16.55
N GLU A 110 -7.99 -2.79 -17.72
CA GLU A 110 -9.00 -1.80 -18.05
C GLU A 110 -10.14 -1.91 -17.04
N SER A 111 -10.57 -0.77 -16.50
CA SER A 111 -11.64 -0.77 -15.52
C SER A 111 -12.96 -1.24 -16.13
N LEU A 112 -13.83 -1.79 -15.30
CA LEU A 112 -15.13 -2.24 -15.76
C LEU A 112 -16.05 -1.01 -15.80
N ILE A 113 -15.63 0.04 -15.11
CA ILE A 113 -16.38 1.29 -15.06
C ILE A 113 -16.13 2.04 -16.37
N SER A 114 -17.21 2.36 -17.07
CA SER A 114 -17.10 3.06 -18.35
C SER A 114 -16.35 4.39 -18.26
N SER A 115 -15.38 4.55 -19.16
CA SER A 115 -14.57 5.76 -19.24
C SER A 115 -13.78 6.08 -17.97
N ALA A 116 -13.45 5.06 -17.19
CA ALA A 116 -12.70 5.27 -15.96
C ALA A 116 -11.22 4.94 -16.13
N GLY A 117 -10.82 4.57 -17.35
CA GLY A 117 -9.43 4.25 -17.60
C GLY A 117 -9.04 2.89 -17.05
N GLU A 118 -7.87 2.83 -16.41
CA GLU A 118 -7.43 1.56 -15.81
C GLU A 118 -7.99 1.42 -14.41
N GLY A 119 -8.07 0.18 -13.94
CA GLY A 119 -8.57 -0.10 -12.62
C GLY A 119 -7.69 -1.14 -11.93
N LEU A 120 -7.96 -1.37 -10.65
CA LEU A 120 -7.20 -2.33 -9.86
C LEU A 120 -8.08 -3.56 -9.62
N PHE A 121 -7.53 -4.74 -9.88
CA PHE A 121 -8.27 -5.98 -9.74
C PHE A 121 -7.61 -6.99 -8.82
N SER A 122 -8.42 -7.80 -8.13
CA SER A 122 -7.90 -8.80 -7.24
C SER A 122 -7.47 -10.05 -8.00
N LYS A 123 -6.37 -10.66 -7.56
CA LYS A 123 -5.87 -11.89 -8.18
C LYS A 123 -6.41 -13.09 -7.44
N VAL A 124 -6.95 -12.86 -6.25
CA VAL A 124 -7.42 -13.93 -5.40
C VAL A 124 -8.73 -13.68 -4.65
N ALA A 125 -9.35 -14.77 -4.21
CA ALA A 125 -10.56 -14.68 -3.42
C ALA A 125 -10.08 -14.50 -1.98
N VAL A 126 -10.53 -13.42 -1.34
CA VAL A 126 -10.14 -13.14 0.04
C VAL A 126 -11.34 -12.70 0.86
N GLY A 127 -11.20 -12.78 2.18
CA GLY A 127 -12.28 -12.41 3.07
C GLY A 127 -12.23 -10.95 3.47
N PRO A 128 -13.11 -10.54 4.38
CA PRO A 128 -13.16 -9.16 4.85
C PRO A 128 -11.86 -8.72 5.52
N ASN A 129 -11.62 -7.40 5.49
CA ASN A 129 -10.48 -6.77 6.13
C ASN A 129 -9.10 -7.22 5.67
N THR A 130 -8.98 -7.54 4.38
CA THR A 130 -7.71 -7.99 3.84
C THR A 130 -6.97 -6.86 3.14
N VAL A 131 -5.72 -6.63 3.55
CA VAL A 131 -4.88 -5.61 2.92
C VAL A 131 -4.54 -6.17 1.54
N MET A 132 -4.80 -5.38 0.51
CA MET A 132 -4.57 -5.83 -0.88
C MET A 132 -3.52 -5.05 -1.64
N SER A 133 -3.42 -3.76 -1.37
CA SER A 133 -2.53 -2.92 -2.14
C SER A 133 -2.01 -1.77 -1.30
N PHE A 134 -0.91 -1.16 -1.74
CA PHE A 134 -0.33 -0.05 -1.01
C PHE A 134 -0.43 1.25 -1.78
N TYR A 135 -0.64 2.34 -1.07
CA TYR A 135 -0.76 3.65 -1.70
C TYR A 135 0.43 4.52 -1.30
N ASN A 136 1.53 4.33 -2.01
CA ASN A 136 2.72 5.14 -1.77
C ASN A 136 2.70 6.25 -2.81
N GLY A 137 3.49 7.28 -2.56
CA GLY A 137 3.55 8.40 -3.49
C GLY A 137 4.43 9.47 -2.86
N VAL A 138 4.61 10.57 -3.56
CA VAL A 138 5.41 11.67 -3.03
C VAL A 138 4.58 12.33 -1.93
N ARG A 139 5.25 13.03 -1.02
CA ARG A 139 4.59 13.68 0.10
C ARG A 139 4.59 15.19 -0.06
N ILE A 140 3.40 15.77 -0.18
CA ILE A 140 3.27 17.21 -0.35
C ILE A 140 2.26 17.77 0.66
N THR A 141 2.18 19.09 0.76
CA THR A 141 1.27 19.72 1.70
C THR A 141 -0.15 19.89 1.18
N HIS A 142 -1.09 20.02 2.11
CA HIS A 142 -2.49 20.21 1.77
C HIS A 142 -2.67 21.52 1.02
N GLN A 143 -1.92 22.53 1.42
CA GLN A 143 -2.01 23.83 0.77
C GLN A 143 -1.66 23.74 -0.71
N GLU A 144 -0.57 23.04 -1.02
CA GLU A 144 -0.15 22.89 -2.40
C GLU A 144 -1.23 22.18 -3.22
N VAL A 145 -1.78 21.12 -2.66
CA VAL A 145 -2.83 20.35 -3.33
C VAL A 145 -4.12 21.15 -3.53
N ASP A 146 -4.64 21.71 -2.44
CA ASP A 146 -5.88 22.47 -2.49
C ASP A 146 -5.78 23.75 -3.32
N SER A 147 -4.57 24.25 -3.53
CA SER A 147 -4.39 25.48 -4.29
C SER A 147 -4.13 25.29 -5.78
N ARG A 148 -4.27 24.06 -6.27
CA ARG A 148 -4.05 23.79 -7.69
C ARG A 148 -5.26 23.18 -8.38
N ASP A 149 -5.23 23.15 -9.71
CA ASP A 149 -6.32 22.61 -10.51
C ASP A 149 -6.61 21.13 -10.28
N TRP A 150 -7.91 20.79 -10.25
CA TRP A 150 -8.34 19.41 -10.04
C TRP A 150 -7.65 18.46 -11.02
N ALA A 151 -7.29 18.99 -12.18
CA ALA A 151 -6.64 18.18 -13.21
C ALA A 151 -5.35 17.55 -12.69
N LEU A 152 -4.75 18.17 -11.67
CA LEU A 152 -3.50 17.67 -11.09
C LEU A 152 -3.72 16.86 -9.82
N ASN A 153 -4.97 16.71 -9.41
CA ASN A 153 -5.27 15.96 -8.19
C ASN A 153 -6.04 14.67 -8.42
N GLY A 154 -5.75 14.00 -9.52
CA GLY A 154 -6.44 12.74 -9.81
C GLY A 154 -5.96 11.63 -8.88
N ASN A 155 -4.72 11.71 -8.46
CA ASN A 155 -4.15 10.68 -7.58
C ASN A 155 -3.78 11.14 -6.17
N THR A 156 -4.28 12.29 -5.73
CA THR A 156 -3.96 12.76 -4.39
C THR A 156 -4.83 12.12 -3.31
N LEU A 157 -4.17 11.67 -2.24
CA LEU A 157 -4.84 11.04 -1.11
C LEU A 157 -4.23 11.58 0.19
N SER A 158 -5.08 12.13 1.05
N SER A 158 -5.08 12.13 1.05
CA SER A 158 -4.60 12.67 2.32
CA SER A 158 -4.60 12.67 2.32
C SER A 158 -4.08 11.56 3.22
C SER A 158 -4.08 11.56 3.22
N LEU A 159 -2.91 11.79 3.82
CA LEU A 159 -2.31 10.80 4.71
C LEU A 159 -2.71 11.16 6.13
N ASP A 160 -2.58 12.45 6.45
CA ASP A 160 -2.94 12.97 7.76
C ASP A 160 -3.17 14.46 7.64
N GLU A 161 -3.23 15.15 8.78
CA GLU A 161 -3.48 16.59 8.79
C GLU A 161 -2.38 17.42 8.13
N GLU A 162 -1.19 16.86 7.98
CA GLU A 162 -0.10 17.61 7.37
C GLU A 162 0.51 17.05 6.11
N THR A 163 0.08 15.85 5.70
CA THR A 163 0.66 15.27 4.50
C THR A 163 -0.35 14.70 3.51
N VAL A 164 -0.10 14.95 2.23
CA VAL A 164 -0.94 14.44 1.16
C VAL A 164 -0.04 13.59 0.27
N ILE A 165 -0.49 12.38 -0.04
CA ILE A 165 0.28 11.47 -0.89
C ILE A 165 -0.18 11.66 -2.33
N ASP A 166 0.76 11.72 -3.25
CA ASP A 166 0.42 11.88 -4.66
C ASP A 166 1.26 11.01 -5.59
N VAL A 167 0.66 10.63 -6.71
CA VAL A 167 1.35 9.84 -7.74
C VAL A 167 1.19 10.68 -9.00
N PRO A 168 2.02 11.72 -9.13
CA PRO A 168 1.99 12.64 -10.27
C PRO A 168 2.59 12.09 -11.56
N GLU A 169 2.30 12.77 -12.66
CA GLU A 169 2.85 12.38 -13.95
C GLU A 169 4.37 12.35 -13.80
N PRO A 170 5.04 11.38 -14.44
CA PRO A 170 4.51 10.33 -15.30
C PRO A 170 4.34 9.03 -14.52
N TYR A 171 4.46 9.11 -13.20
CA TYR A 171 4.35 7.93 -12.34
C TYR A 171 2.96 7.32 -12.31
N ASN A 172 1.98 8.01 -12.91
CA ASN A 172 0.61 7.49 -12.94
C ASN A 172 0.47 6.39 -14.00
N HIS A 173 1.58 6.11 -14.69
CA HIS A 173 1.61 5.08 -15.72
C HIS A 173 2.38 3.89 -15.15
N VAL A 174 1.81 2.70 -15.26
CA VAL A 174 2.45 1.50 -14.73
C VAL A 174 3.84 1.27 -15.33
N SER A 175 4.04 1.72 -16.57
CA SER A 175 5.32 1.56 -17.24
C SER A 175 6.41 2.41 -16.60
N LYS A 176 6.01 3.45 -15.85
CA LYS A 176 6.96 4.33 -15.20
C LYS A 176 7.03 4.10 -13.69
N TYR A 177 6.00 3.49 -13.12
CA TYR A 177 5.98 3.26 -11.68
C TYR A 177 5.06 2.11 -11.29
N CYS A 178 5.62 1.10 -10.62
CA CYS A 178 4.82 -0.05 -10.18
C CYS A 178 5.22 -0.52 -8.79
N ALA A 179 5.98 0.31 -8.07
CA ALA A 179 6.41 -0.03 -6.72
C ALA A 179 5.19 -0.26 -5.84
N SER A 180 4.13 0.50 -6.11
CA SER A 180 2.86 0.35 -5.39
C SER A 180 1.76 0.62 -6.42
N LEU A 181 0.55 0.14 -6.15
CA LEU A 181 -0.51 0.29 -7.14
C LEU A 181 -1.83 0.83 -6.60
N GLY A 182 -1.85 1.26 -5.35
CA GLY A 182 -3.08 1.76 -4.74
C GLY A 182 -3.80 2.87 -5.48
N HIS A 183 -3.04 3.72 -6.17
CA HIS A 183 -3.61 4.83 -6.92
C HIS A 183 -4.41 4.38 -8.13
N LYS A 184 -4.34 3.11 -8.47
CA LYS A 184 -5.08 2.59 -9.62
C LYS A 184 -6.50 2.14 -9.28
N ALA A 185 -6.85 2.11 -7.99
CA ALA A 185 -8.21 1.72 -7.61
C ALA A 185 -9.16 2.87 -7.90
N ASN A 186 -10.24 2.57 -8.63
CA ASN A 186 -11.21 3.58 -8.97
C ASN A 186 -12.23 3.82 -7.87
N HIS A 187 -13.02 4.86 -8.05
CA HIS A 187 -14.04 5.25 -7.09
C HIS A 187 -15.38 4.55 -7.30
N SER A 188 -16.10 4.37 -6.19
CA SER A 188 -17.43 3.79 -6.21
C SER A 188 -18.16 4.21 -4.94
N PHE A 189 -19.47 4.43 -5.06
CA PHE A 189 -20.27 4.81 -3.90
C PHE A 189 -20.71 3.56 -3.16
N THR A 190 -20.43 2.41 -3.75
CA THR A 190 -20.73 1.11 -3.16
C THR A 190 -19.40 0.37 -3.26
N PRO A 191 -18.36 0.91 -2.61
CA PRO A 191 -17.01 0.31 -2.64
C PRO A 191 -16.86 -1.01 -1.90
N ASN A 192 -15.91 -1.84 -2.35
CA ASN A 192 -15.65 -3.09 -1.65
C ASN A 192 -14.38 -2.96 -0.80
N CYS A 193 -13.75 -1.78 -0.85
CA CYS A 193 -12.53 -1.51 -0.08
C CYS A 193 -12.52 -0.12 0.55
N ILE A 194 -11.57 0.09 1.46
CA ILE A 194 -11.39 1.39 2.11
C ILE A 194 -9.89 1.66 2.16
N TYR A 195 -9.53 2.93 2.31
CA TYR A 195 -8.13 3.31 2.47
C TYR A 195 -7.91 3.18 3.98
N ASP A 196 -6.77 2.62 4.38
CA ASP A 196 -6.49 2.44 5.80
C ASP A 196 -5.02 2.76 6.06
N MET A 197 -4.67 3.12 7.29
CA MET A 197 -3.28 3.43 7.59
C MET A 197 -2.43 2.17 7.50
N PHE A 198 -1.18 2.34 7.10
CA PHE A 198 -0.27 1.20 7.00
C PHE A 198 1.18 1.64 7.20
N VAL A 199 1.93 0.86 7.99
CA VAL A 199 3.33 1.13 8.25
C VAL A 199 4.13 0.13 7.42
N HIS A 200 4.70 0.61 6.33
CA HIS A 200 5.43 -0.24 5.39
C HIS A 200 6.94 -0.18 5.63
N PRO A 201 7.62 -1.34 5.61
CA PRO A 201 9.07 -1.38 5.83
C PRO A 201 9.88 -0.66 4.76
N ARG A 202 9.32 -0.57 3.55
CA ARG A 202 9.98 0.10 2.43
C ARG A 202 9.48 1.54 2.27
N PHE A 203 8.16 1.72 2.22
CA PHE A 203 7.57 3.04 2.04
C PHE A 203 7.36 3.87 3.30
N GLY A 204 7.45 3.24 4.47
CA GLY A 204 7.23 3.98 5.71
C GLY A 204 5.75 4.20 5.94
N PRO A 205 5.35 5.27 6.63
CA PRO A 205 3.93 5.55 6.90
C PRO A 205 3.16 6.00 5.65
N ILE A 206 2.21 5.16 5.24
CA ILE A 206 1.40 5.44 4.07
C ILE A 206 -0.01 4.93 4.33
N LYS A 207 -0.77 4.72 3.26
CA LYS A 207 -2.10 4.16 3.39
C LYS A 207 -2.14 2.94 2.50
N CYS A 208 -3.08 2.05 2.77
CA CYS A 208 -3.23 0.83 1.98
C CYS A 208 -4.68 0.70 1.60
N ILE A 209 -4.96 -0.30 0.76
N ILE A 209 -4.96 -0.29 0.76
CA ILE A 209 -6.34 -0.58 0.33
CA ILE A 209 -6.32 -0.58 0.34
C ILE A 209 -6.70 -1.89 1.03
C ILE A 209 -6.67 -1.88 1.08
N ARG A 210 -7.73 -1.85 1.86
CA ARG A 210 -8.18 -3.02 2.64
C ARG A 210 -9.63 -3.36 2.27
N THR A 211 -9.91 -4.63 2.06
CA THR A 211 -11.28 -5.02 1.71
C THR A 211 -12.22 -4.80 2.88
N LEU A 212 -13.47 -4.48 2.56
CA LEU A 212 -14.52 -4.27 3.55
C LEU A 212 -15.27 -5.58 3.73
N ARG A 213 -15.14 -6.47 2.74
CA ARG A 213 -15.82 -7.75 2.79
C ARG A 213 -15.14 -8.74 1.86
N ALA A 214 -15.82 -9.85 1.61
CA ALA A 214 -15.27 -10.86 0.72
C ALA A 214 -15.19 -10.34 -0.71
N VAL A 215 -14.08 -10.63 -1.38
N VAL A 215 -14.07 -10.64 -1.37
CA VAL A 215 -13.93 -10.22 -2.77
CA VAL A 215 -13.86 -10.22 -2.75
C VAL A 215 -13.49 -11.47 -3.50
C VAL A 215 -13.45 -11.47 -3.51
N GLU A 216 -13.87 -11.58 -4.76
CA GLU A 216 -13.53 -12.75 -5.56
C GLU A 216 -12.34 -12.49 -6.46
N ALA A 217 -11.75 -13.58 -6.96
CA ALA A 217 -10.63 -13.44 -7.88
C ALA A 217 -11.14 -12.67 -9.09
N ASP A 218 -10.34 -11.71 -9.55
CA ASP A 218 -10.67 -10.89 -10.70
C ASP A 218 -11.79 -9.88 -10.53
N GLU A 219 -12.15 -9.63 -9.27
CA GLU A 219 -13.16 -8.63 -8.98
C GLU A 219 -12.44 -7.29 -8.93
N GLU A 220 -13.05 -6.24 -9.48
CA GLU A 220 -12.42 -4.92 -9.45
C GLU A 220 -12.50 -4.33 -8.04
N LEU A 221 -11.38 -3.82 -7.55
CA LEU A 221 -11.32 -3.22 -6.22
C LEU A 221 -11.66 -1.74 -6.33
N THR A 222 -12.60 -1.29 -5.51
CA THR A 222 -12.99 0.11 -5.54
C THR A 222 -13.02 0.70 -4.14
N VAL A 223 -12.89 2.01 -4.06
N VAL A 223 -12.87 2.02 -4.07
CA VAL A 223 -12.91 2.72 -2.79
CA VAL A 223 -12.87 2.74 -2.79
C VAL A 223 -13.71 4.00 -2.96
C VAL A 223 -13.68 4.03 -2.96
N ALA A 224 -14.26 4.51 -1.87
CA ALA A 224 -15.03 5.75 -1.92
C ALA A 224 -14.00 6.87 -1.76
N TYR A 225 -13.83 7.70 -2.79
CA TYR A 225 -12.85 8.78 -2.73
C TYR A 225 -13.16 9.80 -1.63
N GLY A 226 -14.41 9.81 -1.18
CA GLY A 226 -14.81 10.70 -0.11
C GLY A 226 -14.68 12.20 -0.31
N TYR A 227 -14.87 12.66 -1.55
CA TYR A 227 -14.80 14.09 -1.83
C TYR A 227 -15.96 14.80 -1.15
N ASP A 228 -15.69 15.99 -0.60
CA ASP A 228 -16.72 16.76 0.09
C ASP A 228 -17.96 17.01 -0.76
N HIS A 229 -19.12 16.63 -0.23
CA HIS A 229 -20.38 16.81 -0.93
C HIS A 229 -21.12 18.03 -0.42
N GLU A 238 -16.78 20.59 -4.35
CA GLU A 238 -15.34 20.53 -4.52
C GLU A 238 -14.95 19.12 -4.96
N ALA A 239 -15.23 18.79 -6.23
CA ALA A 239 -14.89 17.48 -6.77
C ALA A 239 -15.00 17.49 -8.30
N PRO A 240 -14.25 16.59 -8.97
CA PRO A 240 -14.26 16.50 -10.44
C PRO A 240 -15.67 16.29 -10.99
N GLU A 241 -15.83 16.58 -12.29
CA GLU A 241 -17.12 16.45 -12.95
C GLU A 241 -17.61 15.00 -13.00
N TRP A 242 -16.71 14.08 -13.34
CA TRP A 242 -17.08 12.67 -13.43
C TRP A 242 -17.64 12.19 -12.10
N TYR A 243 -17.12 12.76 -11.01
CA TYR A 243 -17.54 12.40 -9.67
C TYR A 243 -18.97 12.89 -9.42
N GLN A 244 -19.20 14.16 -9.75
CA GLN A 244 -20.52 14.77 -9.58
C GLN A 244 -21.56 14.05 -10.43
N VAL A 245 -21.14 13.61 -11.61
CA VAL A 245 -22.04 12.90 -12.51
C VAL A 245 -22.46 11.58 -11.88
N GLU A 246 -21.48 10.78 -11.47
CA GLU A 246 -21.76 9.49 -10.86
C GLU A 246 -22.54 9.63 -9.55
N LEU A 247 -22.38 10.78 -8.90
CA LEU A 247 -23.09 11.04 -7.65
C LEU A 247 -24.59 11.16 -7.93
N LYS A 248 -24.93 11.93 -8.95
CA LYS A 248 -26.32 12.12 -9.33
C LYS A 248 -26.89 10.77 -9.75
N ALA A 249 -26.14 10.06 -10.59
CA ALA A 249 -26.56 8.75 -11.08
C ALA A 249 -26.69 7.76 -9.92
N PHE A 250 -26.05 8.08 -8.79
CA PHE A 250 -26.12 7.21 -7.62
C PHE A 250 -27.34 7.54 -6.78
N GLN A 251 -27.48 8.81 -6.39
CA GLN A 251 -28.61 9.24 -5.59
C GLN A 251 -29.87 8.72 -6.27
N ALA A 252 -29.90 8.86 -7.59
CA ALA A 252 -31.02 8.36 -8.37
C ALA A 252 -30.71 6.89 -8.64
N THR A 253 -31.73 6.10 -8.97
CA THR A 253 -31.53 4.68 -9.23
C THR A 253 -31.04 4.01 -7.95
N LYS B 2 -8.53 19.38 0.89
CA LYS B 2 -9.87 19.61 0.26
C LYS B 2 -9.93 19.02 -1.14
N ARG B 3 -8.76 18.88 -1.78
CA ARG B 3 -8.69 18.33 -3.13
C ARG B 3 -7.87 17.05 -3.14
N SER B 4 -8.27 16.13 -2.27
CA SER B 4 -7.61 14.84 -2.16
C SER B 4 -8.57 13.89 -1.50
N LYS B 5 -8.43 12.60 -1.81
CA LYS B 5 -9.33 11.60 -1.23
C LYS B 5 -9.19 11.66 0.29
#